data_4J7F
#
_entry.id   4J7F
#
_cell.length_a   83.046
_cell.length_b   83.046
_cell.length_c   95.524
_cell.angle_alpha   90.00
_cell.angle_beta   90.00
_cell.angle_gamma   120.00
#
_symmetry.space_group_name_H-M   'P 32 2 1'
#
loop_
_entity.id
_entity.type
_entity.pdbx_description
1 polymer 'Histone-lysine N-methyltransferase SETD7'
2 polymer 'Transcription initiation factor TFIID subunit 10'
3 non-polymer S-ADENOSYL-L-HOMOCYSTEINE
4 water water
#
loop_
_entity_poly.entity_id
_entity_poly.type
_entity_poly.pdbx_seq_one_letter_code
_entity_poly.pdbx_strand_id
1 'polypeptide(L)'
;GAMGYKDNIRHGVCWIYYPDGGSLVGEVNEDGEMTGEKIAYVYPDERTALYGKFIDGEMIEGKLATLMSTEEGRPHFELM
PGNSVYHFDKSTSSCISTNALLPDPYESERVYVAESLISSAGEGLFSKVAVGPNTVMSFYNGVRITHQEVDSRDWALNGN
TLSLDEETVIDVPEPYNHVSKYCASLGHKANHSFTPNCIYDMFVHPRFGPIKCIRTLRAVEADEELTVA(HOX)GYDHSP
PGKSGPEAPEWYQVELKAFQATQQK
;
A
2 'polypeptide(L)' (ACE)SKSKDRKYTL B
#
loop_
_chem_comp.id
_chem_comp.type
_chem_comp.name
_chem_comp.formula
ACE non-polymer 'ACETYL GROUP' 'C2 H4 O'
SAH non-polymer S-ADENOSYL-L-HOMOCYSTEINE 'C14 H20 N6 O5 S'
#
# COMPACT_ATOMS: atom_id res chain seq x y z
N GLY A 12 24.72 9.60 17.62
CA GLY A 12 23.68 8.52 17.83
C GLY A 12 22.49 8.48 16.88
N VAL A 13 22.71 8.13 15.61
CA VAL A 13 21.60 7.90 14.66
CA VAL A 13 21.53 7.90 14.74
C VAL A 13 21.13 6.45 14.79
N CYS A 14 19.81 6.23 14.79
CA CYS A 14 19.22 4.91 14.87
CA CYS A 14 19.25 4.88 14.83
C CYS A 14 18.37 4.68 13.61
N TRP A 15 18.39 3.45 13.07
CA TRP A 15 17.47 3.05 11.99
C TRP A 15 16.62 1.94 12.57
N ILE A 16 15.30 2.03 12.44
CA ILE A 16 14.42 0.99 12.94
C ILE A 16 13.64 0.45 11.73
N TYR A 17 13.88 -0.80 11.31
CA TYR A 17 13.20 -1.37 10.13
C TYR A 17 11.92 -2.11 10.49
N TYR A 18 10.93 -1.93 9.64
CA TYR A 18 9.75 -2.79 9.64
C TYR A 18 10.06 -4.05 8.85
N PRO A 19 9.33 -5.15 9.14
CA PRO A 19 9.52 -6.35 8.36
C PRO A 19 9.38 -6.13 6.84
N ASP A 20 8.60 -5.14 6.39
CA ASP A 20 8.46 -4.87 4.96
C ASP A 20 9.61 -4.13 4.30
N GLY A 21 10.58 -3.62 5.08
CA GLY A 21 11.73 -2.97 4.49
C GLY A 21 11.72 -1.45 4.61
N GLY A 22 10.56 -0.88 4.95
CA GLY A 22 10.53 0.56 5.28
C GLY A 22 11.24 0.76 6.59
N SER A 23 11.63 2.00 6.90
CA SER A 23 12.29 2.26 8.20
C SER A 23 12.02 3.65 8.73
N LEU A 24 12.27 3.83 10.03
CA LEU A 24 12.35 5.17 10.60
C LEU A 24 13.79 5.42 10.95
N VAL A 25 14.24 6.63 10.68
CA VAL A 25 15.66 6.95 10.94
C VAL A 25 15.83 8.33 11.50
N GLY A 26 16.69 8.42 12.51
CA GLY A 26 17.03 9.74 13.06
C GLY A 26 17.76 9.59 14.39
N GLU A 27 18.06 10.74 14.99
CA GLU A 27 18.56 10.76 16.36
C GLU A 27 17.38 10.54 17.30
N VAL A 28 17.49 9.61 18.23
CA VAL A 28 16.38 9.40 19.13
C VAL A 28 16.49 10.41 20.29
N ASN A 29 15.38 10.66 20.97
N ASN A 29 15.39 10.73 20.96
CA ASN A 29 15.37 11.58 22.13
CA ASN A 29 15.50 11.65 22.09
C ASN A 29 15.99 10.92 23.35
C ASN A 29 15.83 10.90 23.37
N GLU A 30 15.89 11.61 24.50
CA GLU A 30 16.37 11.07 25.79
C GLU A 30 15.74 9.71 26.17
N ASP A 31 14.47 9.52 25.84
CA ASP A 31 13.74 8.29 26.16
C ASP A 31 13.83 7.22 25.06
N GLY A 32 14.70 7.46 24.07
CA GLY A 32 14.90 6.50 22.98
C GLY A 32 13.75 6.43 21.98
N GLU A 33 12.98 7.51 21.90
CA GLU A 33 11.85 7.60 20.99
C GLU A 33 12.21 8.36 19.70
N MET A 34 11.59 7.98 18.59
CA MET A 34 11.77 8.68 17.32
C MET A 34 10.95 9.96 17.35
N THR A 35 11.48 10.96 18.04
CA THR A 35 10.79 12.23 18.28
C THR A 35 11.74 13.34 17.94
N GLY A 36 11.35 14.24 17.04
CA GLY A 36 12.24 15.32 16.65
C GLY A 36 11.78 15.99 15.38
N GLU A 37 12.53 17.00 14.96
CA GLU A 37 12.20 17.73 13.75
C GLU A 37 12.94 17.23 12.51
N LYS A 38 13.86 16.27 12.70
CA LYS A 38 14.72 15.77 11.61
C LYS A 38 14.68 14.24 11.51
N ILE A 39 13.47 13.70 11.71
CA ILE A 39 13.23 12.24 11.64
C ILE A 39 12.72 11.95 10.21
N ALA A 40 13.00 10.76 9.71
CA ALA A 40 12.50 10.38 8.38
C ALA A 40 11.94 8.98 8.38
N TYR A 41 10.87 8.81 7.59
CA TYR A 41 10.45 7.48 7.18
C TYR A 41 11.09 7.27 5.80
N VAL A 42 11.76 6.14 5.61
CA VAL A 42 12.35 5.82 4.30
C VAL A 42 11.63 4.61 3.70
N TYR A 43 11.13 4.77 2.46
CA TYR A 43 10.41 3.69 1.81
C TYR A 43 11.33 2.51 1.48
N PRO A 44 10.75 1.40 1.02
CA PRO A 44 11.56 0.20 0.78
C PRO A 44 12.56 0.28 -0.37
N ASP A 45 12.53 1.34 -1.19
CA ASP A 45 13.56 1.55 -2.24
C ASP A 45 14.83 2.11 -1.60
N GLU A 46 14.76 2.41 -0.32
CA GLU A 46 15.92 2.96 0.41
C GLU A 46 16.38 4.30 -0.18
N ARG A 47 15.46 5.03 -0.82
CA ARG A 47 15.76 6.28 -1.51
C ARG A 47 14.67 7.33 -1.34
N THR A 48 13.41 6.93 -1.47
CA THR A 48 12.30 7.88 -1.29
C THR A 48 12.01 8.04 0.20
N ALA A 49 11.88 9.28 0.69
CA ALA A 49 11.71 9.51 2.11
C ALA A 49 10.70 10.60 2.43
N LEU A 50 10.19 10.54 3.64
CA LEU A 50 9.32 11.60 4.17
C LEU A 50 10.00 12.12 5.42
N TYR A 51 10.47 13.37 5.35
CA TYR A 51 11.44 13.88 6.32
C TYR A 51 10.87 15.07 7.07
N GLY A 52 10.95 15.04 8.39
CA GLY A 52 10.53 16.17 9.21
C GLY A 52 10.13 15.84 10.60
N LYS A 53 8.95 16.29 11.01
CA LYS A 53 8.53 16.20 12.39
C LYS A 53 7.80 14.91 12.67
N PHE A 54 8.36 14.12 13.58
CA PHE A 54 7.72 12.91 14.09
C PHE A 54 7.61 12.97 15.62
N ILE A 55 6.61 12.29 16.16
CA ILE A 55 6.49 12.14 17.62
C ILE A 55 6.31 10.68 17.95
N ASP A 56 7.28 10.10 18.67
CA ASP A 56 7.32 8.68 18.98
C ASP A 56 6.99 7.83 17.75
N GLY A 57 7.64 8.16 16.65
CA GLY A 57 7.51 7.39 15.40
C GLY A 57 6.30 7.71 14.56
N GLU A 58 5.41 8.58 15.05
CA GLU A 58 4.25 9.00 14.26
C GLU A 58 4.56 10.24 13.45
N MET A 59 4.26 10.20 12.14
CA MET A 59 4.55 11.31 11.25
C MET A 59 3.60 12.49 11.45
N ILE A 60 4.13 13.62 11.89
CA ILE A 60 3.31 14.83 12.05
C ILE A 60 3.37 15.66 10.80
N GLU A 61 4.57 15.90 10.28
CA GLU A 61 4.76 16.66 9.05
C GLU A 61 5.98 16.10 8.33
N GLY A 62 5.74 15.22 7.36
CA GLY A 62 6.82 14.64 6.57
C GLY A 62 6.89 15.27 5.19
N LYS A 63 8.04 15.85 4.83
CA LYS A 63 8.19 16.45 3.51
C LYS A 63 8.88 15.48 2.56
N LEU A 64 8.45 15.39 1.33
CA LEU A 64 9.05 14.50 0.38
C LEU A 64 10.52 14.82 0.14
N ALA A 65 11.36 13.80 0.17
CA ALA A 65 12.83 13.95 0.10
C ALA A 65 13.43 12.74 -0.60
N THR A 66 14.67 12.90 -1.05
CA THR A 66 15.43 11.82 -1.62
C THR A 66 16.63 11.60 -0.71
N LEU A 67 16.86 10.34 -0.37
CA LEU A 67 18.04 9.98 0.43
C LEU A 67 19.20 9.95 -0.54
N MET A 68 20.17 10.85 -0.37
CA MET A 68 21.21 11.02 -1.36
C MET A 68 22.48 10.22 -1.02
N SER A 69 22.74 10.10 0.26
CA SER A 69 23.90 9.34 0.73
C SER A 69 23.78 9.12 2.24
N THR A 70 24.65 8.28 2.78
CA THR A 70 24.75 8.13 4.22
CA THR A 70 24.78 8.17 4.25
C THR A 70 26.22 8.43 4.59
N GLU A 71 26.44 9.09 5.72
CA GLU A 71 27.83 9.33 6.15
C GLU A 71 27.89 8.90 7.62
N GLU A 72 28.73 7.88 7.89
CA GLU A 72 28.77 7.33 9.25
C GLU A 72 27.39 6.87 9.75
N GLY A 73 26.56 6.38 8.81
CA GLY A 73 25.24 5.93 9.18
C GLY A 73 24.15 6.96 9.13
N ARG A 74 24.54 8.23 9.06
CA ARG A 74 23.57 9.33 9.07
C ARG A 74 23.10 9.63 7.65
N PRO A 75 21.77 9.64 7.43
CA PRO A 75 21.24 9.92 6.11
C PRO A 75 21.31 11.39 5.78
N HIS A 76 21.63 11.67 4.52
CA HIS A 76 21.61 13.02 4.00
C HIS A 76 20.55 13.09 2.91
N PHE A 77 19.62 14.00 3.11
CA PHE A 77 18.42 14.10 2.25
C PHE A 77 18.49 15.37 1.44
N GLU A 78 17.87 15.35 0.26
CA GLU A 78 17.55 16.58 -0.46
C GLU A 78 16.02 16.67 -0.52
N LEU A 79 15.45 17.79 -0.13
CA LEU A 79 13.98 17.92 -0.21
C LEU A 79 13.53 18.17 -1.64
N MET A 80 12.39 17.60 -1.99
CA MET A 80 11.83 17.81 -3.32
C MET A 80 11.13 19.17 -3.30
N PRO A 81 10.99 19.80 -4.49
CA PRO A 81 10.23 21.04 -4.57
C PRO A 81 8.74 20.76 -4.47
N GLY A 82 7.97 21.83 -4.30
CA GLY A 82 6.54 21.72 -4.03
C GLY A 82 6.51 21.86 -2.53
N ASN A 83 5.34 22.05 -1.98
CA ASN A 83 5.22 21.93 -0.56
C ASN A 83 4.54 20.58 -0.33
N SER A 84 5.12 19.49 -0.84
CA SER A 84 4.54 18.14 -0.67
C SER A 84 4.77 17.66 0.75
N VAL A 85 3.71 17.73 1.54
CA VAL A 85 3.78 17.29 2.93
CA VAL A 85 3.73 17.32 2.96
C VAL A 85 2.73 16.19 3.20
N TYR A 86 3.08 15.29 4.10
CA TYR A 86 2.23 14.16 4.45
C TYR A 86 2.14 14.01 5.95
N HIS A 87 1.06 13.39 6.44
N HIS A 87 1.04 13.39 6.40
CA HIS A 87 0.96 13.13 7.86
CA HIS A 87 0.68 13.29 7.81
C HIS A 87 0.27 11.82 8.10
C HIS A 87 0.18 11.86 8.11
N PHE A 88 0.45 11.32 9.31
CA PHE A 88 -0.22 10.09 9.72
C PHE A 88 -1.74 10.33 9.68
N ASP A 89 -2.47 9.48 8.99
CA ASP A 89 -3.88 9.74 8.65
C ASP A 89 -4.57 8.37 8.48
N LYS A 90 -4.55 7.53 9.53
CA LYS A 90 -5.13 6.19 9.45
C LYS A 90 -6.65 6.29 9.15
N SER A 91 -7.12 5.48 8.22
CA SER A 91 -8.56 5.45 7.90
C SER A 91 -9.37 4.97 9.10
N THR A 92 -10.68 5.27 9.03
CA THR A 92 -11.64 4.76 10.02
C THR A 92 -12.71 3.91 9.28
N SER A 93 -13.85 3.59 9.96
CA SER A 93 -14.77 2.90 9.22
CA SER A 93 -14.91 2.86 9.31
C SER A 93 -15.58 3.69 8.23
N SER A 94 -15.49 5.01 8.35
CA SER A 94 -16.21 5.88 7.43
C SER A 94 -15.34 6.84 6.65
N CYS A 95 -14.08 6.99 7.01
CA CYS A 95 -13.23 7.96 6.32
C CYS A 95 -12.03 7.24 5.71
N ILE A 96 -11.87 7.33 4.40
CA ILE A 96 -10.76 6.62 3.74
C ILE A 96 -9.46 7.42 3.85
N SER A 97 -9.53 8.75 3.83
CA SER A 97 -8.36 9.62 3.83
C SER A 97 -8.82 11.07 3.98
N THR A 98 -8.05 11.87 4.70
CA THR A 98 -8.15 13.35 4.69
C THR A 98 -7.77 13.96 3.32
N ASN A 99 -6.98 13.24 2.53
CA ASN A 99 -6.53 13.74 1.23
C ASN A 99 -6.69 12.70 0.18
N ALA A 100 -7.94 12.38 -0.20
CA ALA A 100 -8.24 11.28 -1.11
C ALA A 100 -7.55 11.43 -2.45
N LEU A 101 -7.26 12.67 -2.85
CA LEU A 101 -6.72 12.89 -4.18
C LEU A 101 -5.20 13.10 -4.17
N LEU A 102 -4.58 13.00 -3.00
CA LEU A 102 -3.13 13.21 -2.92
C LEU A 102 -2.42 11.85 -3.05
N PRO A 103 -1.72 11.62 -4.16
CA PRO A 103 -1.17 10.29 -4.42
C PRO A 103 -0.01 9.95 -3.46
N ASP A 104 0.22 8.66 -3.23
CA ASP A 104 1.47 8.29 -2.57
C ASP A 104 2.67 8.51 -3.54
N PRO A 105 3.74 9.16 -3.07
CA PRO A 105 4.81 9.53 -4.00
C PRO A 105 5.67 8.34 -4.43
N TYR A 106 5.79 7.34 -3.57
CA TYR A 106 6.51 6.12 -3.94
C TYR A 106 5.73 5.33 -4.99
N GLU A 107 4.42 5.14 -4.73
CA GLU A 107 3.57 4.39 -5.63
C GLU A 107 3.47 5.05 -7.00
N SER A 108 3.46 6.38 -7.04
CA SER A 108 3.25 7.10 -8.30
CA SER A 108 3.24 7.10 -8.30
C SER A 108 4.38 6.91 -9.31
N GLU A 109 5.58 6.63 -8.79
CA GLU A 109 6.73 6.34 -9.64
C GLU A 109 6.74 4.91 -10.14
N ARG A 110 5.87 4.05 -9.61
CA ARG A 110 5.96 2.63 -9.90
C ARG A 110 4.83 1.99 -10.66
N VAL A 111 3.63 2.54 -10.55
CA VAL A 111 2.46 1.91 -11.17
C VAL A 111 1.56 2.98 -11.78
N TYR A 112 0.74 2.54 -12.73
CA TYR A 112 -0.32 3.38 -13.29
C TYR A 112 -1.53 2.53 -13.59
N VAL A 113 -2.69 3.19 -13.70
CA VAL A 113 -3.95 2.48 -13.95
C VAL A 113 -4.27 2.62 -15.44
N ALA A 114 -4.65 1.53 -16.08
CA ALA A 114 -5.11 1.57 -17.48
C ALA A 114 -6.07 0.42 -17.71
N GLU A 115 -6.56 0.28 -18.94
CA GLU A 115 -7.48 -0.81 -19.25
C GLU A 115 -6.76 -2.15 -19.08
N SER A 116 -7.40 -3.08 -18.35
CA SER A 116 -6.81 -4.40 -18.15
C SER A 116 -6.68 -5.19 -19.46
N LEU A 117 -5.65 -6.03 -19.52
CA LEU A 117 -5.49 -6.95 -20.65
C LEU A 117 -6.37 -8.19 -20.48
N ILE A 118 -6.96 -8.34 -19.29
CA ILE A 118 -7.87 -9.44 -19.01
C ILE A 118 -9.25 -9.06 -19.50
N SER A 119 -9.86 -9.96 -20.28
CA SER A 119 -11.18 -9.73 -20.88
C SER A 119 -12.29 -9.44 -19.86
N SER A 120 -13.01 -8.33 -20.04
CA SER A 120 -14.13 -7.91 -19.16
C SER A 120 -13.73 -7.58 -17.70
N ALA A 121 -12.43 -7.29 -17.49
CA ALA A 121 -11.94 -7.04 -16.12
C ALA A 121 -11.90 -5.55 -15.78
N GLY A 122 -12.17 -4.70 -16.76
CA GLY A 122 -12.20 -3.26 -16.52
C GLY A 122 -10.81 -2.64 -16.48
N GLU A 123 -10.51 -1.91 -15.41
CA GLU A 123 -9.20 -1.28 -15.28
C GLU A 123 -8.24 -2.25 -14.61
N GLY A 124 -6.96 -2.04 -14.81
CA GLY A 124 -5.91 -2.86 -14.16
C GLY A 124 -4.77 -1.97 -13.71
N LEU A 125 -3.82 -2.59 -13.03
CA LEU A 125 -2.68 -1.86 -12.51
C LEU A 125 -1.43 -2.36 -13.24
N PHE A 126 -0.59 -1.44 -13.67
CA PHE A 126 0.54 -1.76 -14.52
C PHE A 126 1.84 -1.20 -13.99
N SER A 127 2.94 -1.89 -14.26
CA SER A 127 4.23 -1.39 -13.84
C SER A 127 4.70 -0.25 -14.73
N LYS A 128 5.13 0.85 -14.15
CA LYS A 128 5.71 1.96 -14.92
C LYS A 128 7.12 1.67 -15.38
N VAL A 129 7.87 0.87 -14.62
CA VAL A 129 9.27 0.62 -14.91
C VAL A 129 9.59 -0.83 -14.64
N ALA A 130 10.74 -1.27 -15.12
CA ALA A 130 11.19 -2.63 -14.83
C ALA A 130 11.66 -2.70 -13.37
N VAL A 131 11.24 -3.73 -12.64
CA VAL A 131 11.67 -3.93 -11.24
C VAL A 131 12.06 -5.39 -11.00
N GLY A 132 12.86 -5.63 -9.96
CA GLY A 132 13.26 -6.99 -9.57
C GLY A 132 12.23 -7.68 -8.70
N PRO A 133 12.52 -8.90 -8.24
CA PRO A 133 11.63 -9.64 -7.36
C PRO A 133 11.56 -8.94 -6.01
N ASN A 134 10.46 -9.19 -5.29
CA ASN A 134 10.28 -8.71 -3.92
C ASN A 134 10.16 -7.22 -3.80
N THR A 135 9.66 -6.59 -4.85
CA THR A 135 9.56 -5.11 -4.88
C THR A 135 8.15 -4.68 -4.49
N VAL A 136 8.05 -3.80 -3.48
CA VAL A 136 6.73 -3.22 -3.13
C VAL A 136 6.34 -2.22 -4.23
N MET A 137 5.14 -2.42 -4.79
CA MET A 137 4.73 -1.66 -5.95
C MET A 137 3.61 -0.70 -5.63
N SER A 138 2.72 -1.14 -4.76
CA SER A 138 1.46 -0.38 -4.54
C SER A 138 0.89 -0.64 -3.15
N PHE A 139 0.03 0.26 -2.64
CA PHE A 139 -0.50 0.15 -1.29
C PHE A 139 -2.00 -0.07 -1.35
N TYR A 140 -2.52 -0.92 -0.47
CA TYR A 140 -3.96 -1.21 -0.45
C TYR A 140 -4.51 -0.61 0.82
N ASN A 141 -4.83 0.68 0.74
CA ASN A 141 -5.48 1.40 1.85
C ASN A 141 -7.00 1.36 1.57
N GLY A 142 -7.78 1.60 2.59
CA GLY A 142 -9.27 1.68 2.46
C GLY A 142 -9.89 1.91 3.81
N VAL A 143 -11.22 1.97 3.86
CA VAL A 143 -11.89 2.09 5.16
C VAL A 143 -11.78 0.74 5.89
N ARG A 144 -11.92 0.78 7.22
CA ARG A 144 -11.72 -0.42 8.06
C ARG A 144 -13.08 -0.83 8.63
N ILE A 145 -13.58 -1.95 8.14
CA ILE A 145 -14.90 -2.45 8.58
C ILE A 145 -14.77 -3.89 9.08
N THR A 146 -15.85 -4.42 9.65
CA THR A 146 -15.75 -5.75 10.26
C THR A 146 -16.02 -6.88 9.29
N HIS A 147 -15.53 -8.08 9.61
CA HIS A 147 -15.91 -9.24 8.80
C HIS A 147 -17.45 -9.46 8.82
N GLN A 148 -18.10 -9.19 9.95
CA GLN A 148 -19.57 -9.30 10.08
C GLN A 148 -20.31 -8.48 9.01
N GLU A 149 -19.93 -7.21 8.87
CA GLU A 149 -20.55 -6.35 7.87
C GLU A 149 -20.33 -6.89 6.47
N VAL A 150 -19.09 -7.28 6.17
CA VAL A 150 -18.76 -7.71 4.84
C VAL A 150 -19.44 -9.04 4.48
N ASP A 151 -19.42 -9.97 5.44
CA ASP A 151 -19.91 -11.32 5.20
C ASP A 151 -21.44 -11.35 5.12
N SER A 152 -22.11 -10.39 5.75
CA SER A 152 -23.60 -10.22 5.69
C SER A 152 -24.16 -9.63 4.41
N ARG A 153 -23.33 -9.04 3.56
CA ARG A 153 -23.84 -8.30 2.41
C ARG A 153 -23.51 -8.99 1.09
N ASP A 154 -24.16 -8.55 0.01
CA ASP A 154 -24.04 -9.20 -1.30
C ASP A 154 -22.64 -9.07 -1.88
N TRP A 155 -22.27 -10.02 -2.74
CA TRP A 155 -20.99 -9.94 -3.47
C TRP A 155 -20.82 -8.64 -4.27
N ALA A 156 -21.92 -8.09 -4.79
CA ALA A 156 -21.84 -6.83 -5.55
C ALA A 156 -21.24 -5.65 -4.77
N LEU A 157 -21.26 -5.72 -3.43
CA LEU A 157 -20.69 -4.69 -2.57
C LEU A 157 -19.26 -5.05 -2.11
N ASN A 158 -18.78 -6.23 -2.52
CA ASN A 158 -17.55 -6.81 -1.98
C ASN A 158 -16.46 -7.01 -3.01
N GLY A 159 -16.46 -6.16 -4.02
CA GLY A 159 -15.49 -6.25 -5.10
C GLY A 159 -14.09 -5.91 -4.60
N ASN A 160 -14.03 -4.98 -3.66
CA ASN A 160 -12.71 -4.45 -3.22
C ASN A 160 -12.33 -4.78 -1.80
N THR A 161 -13.04 -5.67 -1.12
CA THR A 161 -12.76 -6.02 0.25
C THR A 161 -11.53 -6.96 0.33
N LEU A 162 -10.62 -6.58 1.21
CA LEU A 162 -9.36 -7.31 1.48
C LEU A 162 -9.26 -7.56 2.97
N SER A 163 -9.17 -8.83 3.36
CA SER A 163 -8.99 -9.11 4.77
C SER A 163 -7.63 -8.57 5.25
N LEU A 164 -7.62 -7.86 6.39
CA LEU A 164 -6.36 -7.36 6.93
C LEU A 164 -5.87 -8.29 8.03
N ASP A 165 -6.77 -8.60 8.96
CA ASP A 165 -6.51 -9.56 10.02
C ASP A 165 -7.82 -10.15 10.49
N GLU A 166 -7.80 -10.73 11.68
CA GLU A 166 -8.97 -11.42 12.22
C GLU A 166 -10.14 -10.50 12.53
N GLU A 167 -9.85 -9.24 12.87
CA GLU A 167 -10.87 -8.26 13.27
C GLU A 167 -11.26 -7.20 12.19
N THR A 168 -10.50 -7.14 11.09
CA THR A 168 -10.58 -5.98 10.16
C THR A 168 -10.57 -6.37 8.70
N VAL A 169 -11.48 -5.77 7.91
CA VAL A 169 -11.43 -5.87 6.47
C VAL A 169 -11.20 -4.44 5.95
N ILE A 170 -10.33 -4.32 4.96
N ILE A 170 -10.28 -4.31 5.00
CA ILE A 170 -10.09 -3.05 4.27
CA ILE A 170 -10.06 -3.08 4.25
C ILE A 170 -10.90 -3.01 2.96
C ILE A 170 -11.03 -3.09 3.07
N ASP A 171 -11.69 -1.94 2.79
CA ASP A 171 -12.56 -1.81 1.62
C ASP A 171 -12.35 -0.49 0.92
N VAL A 172 -12.53 -0.47 -0.41
CA VAL A 172 -12.58 0.79 -1.16
C VAL A 172 -13.97 0.83 -1.79
N PRO A 173 -14.93 1.40 -1.06
CA PRO A 173 -16.33 1.38 -1.55
C PRO A 173 -16.60 2.45 -2.58
N GLU A 174 -17.65 2.25 -3.39
CA GLU A 174 -18.12 3.38 -4.25
C GLU A 174 -18.29 4.64 -3.43
N PRO A 175 -17.91 5.81 -4.00
CA PRO A 175 -17.41 6.07 -5.34
C PRO A 175 -15.88 6.07 -5.40
N TYR A 176 -15.25 5.61 -4.31
CA TYR A 176 -13.81 5.68 -4.18
C TYR A 176 -13.13 4.64 -5.02
N ASN A 177 -13.89 3.77 -5.67
CA ASN A 177 -13.31 2.83 -6.63
C ASN A 177 -12.96 3.48 -7.96
N HIS A 178 -13.29 4.77 -8.11
CA HIS A 178 -12.89 5.52 -9.30
C HIS A 178 -11.74 6.44 -8.96
N VAL A 179 -10.73 6.44 -9.82
CA VAL A 179 -9.55 7.25 -9.53
C VAL A 179 -9.81 8.75 -9.54
N SER A 180 -10.89 9.20 -10.19
CA SER A 180 -11.22 10.62 -10.11
C SER A 180 -11.70 11.00 -8.71
N LYS A 181 -12.08 10.00 -7.90
CA LYS A 181 -12.52 10.30 -6.52
C LYS A 181 -11.52 9.87 -5.44
N TYR A 182 -10.67 8.90 -5.78
CA TYR A 182 -9.67 8.45 -4.79
C TYR A 182 -8.45 7.92 -5.52
N CYS A 183 -7.29 8.50 -5.24
CA CYS A 183 -6.07 8.01 -5.85
C CYS A 183 -4.90 8.03 -4.87
N ALA A 184 -5.21 8.10 -3.58
CA ALA A 184 -4.13 8.18 -2.57
C ALA A 184 -3.37 6.84 -2.60
N SER A 185 -4.07 5.76 -2.92
CA SER A 185 -3.46 4.43 -3.07
C SER A 185 -4.15 3.71 -4.19
N LEU A 186 -3.49 2.72 -4.79
CA LEU A 186 -4.03 2.11 -6.01
C LEU A 186 -4.06 0.58 -5.97
N GLY A 187 -3.81 -0.01 -4.81
CA GLY A 187 -3.70 -1.49 -4.75
C GLY A 187 -4.98 -2.22 -5.10
N HIS A 188 -6.11 -1.56 -4.92
CA HIS A 188 -7.43 -2.17 -5.24
C HIS A 188 -7.64 -2.31 -6.74
N LYS A 189 -6.79 -1.67 -7.53
CA LYS A 189 -6.87 -1.73 -9.00
C LYS A 189 -6.21 -2.97 -9.60
N ALA A 190 -5.38 -3.67 -8.83
CA ALA A 190 -4.74 -4.91 -9.35
C ALA A 190 -5.78 -6.03 -9.51
N ASN A 191 -5.81 -6.62 -10.69
CA ASN A 191 -6.72 -7.72 -10.94
C ASN A 191 -6.23 -9.07 -10.46
N HIS A 192 -7.16 -10.02 -10.42
CA HIS A 192 -6.89 -11.36 -9.99
C HIS A 192 -6.24 -12.19 -11.07
N SER A 193 -5.35 -13.09 -10.65
CA SER A 193 -4.86 -14.15 -11.54
C SER A 193 -4.58 -15.38 -10.70
N PHE A 194 -4.88 -16.55 -11.28
CA PHE A 194 -4.45 -17.78 -10.63
C PHE A 194 -2.99 -18.10 -10.89
N THR A 195 -2.40 -17.36 -11.82
CA THR A 195 -0.96 -17.43 -12.06
C THR A 195 -0.37 -16.00 -11.92
N PRO A 196 -0.35 -15.49 -10.67
CA PRO A 196 -0.01 -14.08 -10.49
C PRO A 196 1.48 -13.76 -10.54
N ASN A 197 1.80 -12.49 -10.74
CA ASN A 197 3.20 -12.03 -10.60
C ASN A 197 3.48 -11.27 -9.28
N CYS A 198 2.45 -11.07 -8.48
CA CYS A 198 2.58 -10.33 -7.20
C CYS A 198 1.80 -11.02 -6.10
N ILE A 199 2.02 -10.62 -4.86
CA ILE A 199 1.28 -11.10 -3.71
C ILE A 199 0.83 -9.89 -2.87
N TYR A 200 -0.23 -10.08 -2.09
CA TYR A 200 -0.51 -9.12 -1.01
C TYR A 200 0.39 -9.43 0.15
N ASP A 201 0.91 -8.40 0.80
CA ASP A 201 1.79 -8.57 1.94
C ASP A 201 1.53 -7.49 2.99
N MET A 202 1.83 -7.75 4.26
CA MET A 202 1.63 -6.77 5.31
C MET A 202 2.55 -5.58 5.07
N PHE A 203 2.08 -4.38 5.40
CA PHE A 203 2.90 -3.17 5.24
C PHE A 203 2.56 -2.14 6.28
N VAL A 204 3.57 -1.48 6.87
CA VAL A 204 3.29 -0.46 7.87
C VAL A 204 3.61 0.88 7.24
N HIS A 205 2.57 1.65 6.95
CA HIS A 205 2.79 2.86 6.13
C HIS A 205 2.72 4.11 7.00
N PRO A 206 3.59 5.11 6.76
CA PRO A 206 3.62 6.28 7.67
C PRO A 206 2.40 7.18 7.59
N ARG A 207 1.71 7.12 6.45
CA ARG A 207 0.45 7.89 6.31
C ARG A 207 -0.73 6.94 6.62
N PHE A 208 -0.77 5.77 5.97
CA PHE A 208 -1.96 4.90 6.10
C PHE A 208 -2.01 4.02 7.33
N GLY A 209 -0.89 3.86 8.05
CA GLY A 209 -0.87 2.92 9.18
C GLY A 209 -0.71 1.49 8.70
N PRO A 210 -1.15 0.52 9.53
CA PRO A 210 -1.02 -0.88 9.14
C PRO A 210 -2.04 -1.24 8.05
N ILE A 211 -1.51 -1.61 6.89
CA ILE A 211 -2.29 -1.96 5.72
C ILE A 211 -1.66 -3.17 5.02
N LYS A 212 -2.07 -3.45 3.79
CA LYS A 212 -1.37 -4.41 2.95
C LYS A 212 -0.80 -3.69 1.73
N CYS A 213 0.22 -4.29 1.12
CA CYS A 213 0.80 -3.78 -0.11
C CYS A 213 0.75 -4.86 -1.16
N ILE A 214 1.07 -4.49 -2.40
CA ILE A 214 1.31 -5.41 -3.49
C ILE A 214 2.82 -5.51 -3.69
N ARG A 215 3.36 -6.74 -3.61
CA ARG A 215 4.81 -6.96 -3.74
C ARG A 215 5.05 -7.94 -4.88
N THR A 216 6.02 -7.68 -5.74
CA THR A 216 6.34 -8.63 -6.85
C THR A 216 6.95 -9.95 -6.32
N LEU A 217 6.59 -11.05 -6.98
CA LEU A 217 7.19 -12.37 -6.73
C LEU A 217 8.47 -12.59 -7.54
N ARG A 218 8.56 -11.87 -8.64
CA ARG A 218 9.59 -12.08 -9.64
C ARG A 218 9.84 -10.73 -10.30
N ALA A 219 10.90 -10.66 -11.12
CA ALA A 219 11.12 -9.47 -11.94
C ALA A 219 9.93 -9.20 -12.84
N VAL A 220 9.64 -7.91 -13.03
CA VAL A 220 8.54 -7.47 -13.87
C VAL A 220 9.06 -6.41 -14.84
N GLU A 221 8.62 -6.48 -16.09
CA GLU A 221 9.00 -5.48 -17.11
C GLU A 221 8.13 -4.24 -17.04
N ALA A 222 8.61 -3.14 -17.63
CA ALA A 222 7.81 -1.95 -17.74
C ALA A 222 6.54 -2.25 -18.55
N ASP A 223 5.42 -1.69 -18.11
CA ASP A 223 4.10 -1.86 -18.74
C ASP A 223 3.50 -3.26 -18.65
N GLU A 224 4.06 -4.09 -17.78
CA GLU A 224 3.49 -5.40 -17.48
C GLU A 224 2.31 -5.20 -16.49
N GLU A 225 1.23 -5.96 -16.69
CA GLU A 225 0.07 -5.89 -15.78
C GLU A 225 0.40 -6.62 -14.49
N LEU A 226 0.12 -5.97 -13.38
CA LEU A 226 0.32 -6.59 -12.07
C LEU A 226 -0.95 -7.33 -11.68
N THR A 227 -0.76 -8.58 -11.26
CA THR A 227 -1.88 -9.42 -10.85
C THR A 227 -1.57 -10.12 -9.54
N VAL A 228 -2.62 -10.43 -8.78
CA VAL A 228 -2.49 -11.08 -7.49
CA VAL A 228 -2.49 -11.06 -7.48
C VAL A 228 -3.54 -12.15 -7.38
N ALA A 229 -3.24 -13.20 -6.62
CA ALA A 229 -4.23 -14.23 -6.32
C ALA A 229 -5.14 -13.84 -5.15
O HOX A 230 -7.93 -13.51 -2.24
C HOX A 230 -7.60 -13.97 -3.34
N HOX A 230 -6.42 -13.57 -5.47
CA HOX A 230 -7.37 -13.02 -4.50
CB HOX A 230 -8.71 -12.67 -5.17
CG HOX A 230 -8.76 -11.38 -5.96
CZ HOX A 230 -8.95 -8.97 -7.37
NZ HOX A 230 -9.04 -7.79 -8.06
CD1 HOX A 230 -7.60 -10.62 -6.26
CD2 HOX A 230 -9.99 -10.89 -6.37
CE1 HOX A 230 -7.69 -9.43 -6.98
CE2 HOX A 230 -10.10 -9.71 -7.08
N GLY A 231 -7.44 -15.28 -3.54
CA GLY A 231 -7.45 -16.15 -2.34
C GLY A 231 -8.80 -16.32 -1.66
N TYR A 232 -9.85 -16.43 -2.46
CA TYR A 232 -11.19 -16.70 -1.92
C TYR A 232 -11.24 -18.18 -1.52
N ASP A 233 -12.05 -18.51 -0.53
CA ASP A 233 -12.22 -19.90 -0.07
C ASP A 233 -12.83 -20.75 -1.18
N HIS A 234 -12.10 -21.78 -1.60
CA HIS A 234 -12.56 -22.66 -2.67
C HIS A 234 -13.44 -23.82 -2.19
N SER A 235 -13.34 -24.16 -0.91
CA SER A 235 -14.15 -25.23 -0.31
C SER A 235 -14.62 -24.85 1.09
N PRO A 236 -15.61 -23.95 1.19
CA PRO A 236 -16.16 -23.60 2.52
C PRO A 236 -17.17 -24.65 3.03
N PRO A 242 -17.64 -22.73 -3.90
CA PRO A 242 -16.66 -21.73 -3.43
C PRO A 242 -17.32 -20.37 -3.16
N GLU A 243 -16.98 -19.76 -2.01
CA GLU A 243 -17.52 -18.44 -1.66
C GLU A 243 -16.77 -17.35 -2.42
N ALA A 244 -17.33 -16.99 -3.57
CA ALA A 244 -16.66 -16.10 -4.51
C ALA A 244 -17.64 -15.50 -5.50
N PRO A 245 -17.30 -14.32 -6.07
CA PRO A 245 -18.10 -13.79 -7.17
C PRO A 245 -18.12 -14.76 -8.37
N GLU A 246 -19.11 -14.60 -9.26
CA GLU A 246 -19.30 -15.52 -10.39
C GLU A 246 -18.15 -15.52 -11.39
N TRP A 247 -17.57 -14.34 -11.67
CA TRP A 247 -16.47 -14.25 -12.64
C TRP A 247 -15.25 -15.08 -12.18
N TYR A 248 -15.08 -15.19 -10.87
CA TYR A 248 -13.97 -15.90 -10.24
C TYR A 248 -14.23 -17.40 -10.27
N GLN A 249 -15.46 -17.79 -9.94
CA GLN A 249 -15.92 -19.19 -10.05
C GLN A 249 -15.69 -19.74 -11.44
N VAL A 250 -16.07 -18.96 -12.46
CA VAL A 250 -15.81 -19.27 -13.85
C VAL A 250 -14.30 -19.48 -14.08
N GLU A 251 -13.49 -18.50 -13.69
CA GLU A 251 -12.04 -18.58 -13.88
C GLU A 251 -11.40 -19.76 -13.13
N LEU A 252 -11.92 -20.08 -11.94
CA LEU A 252 -11.44 -21.20 -11.14
C LEU A 252 -11.60 -22.53 -11.90
N LYS A 253 -12.77 -22.71 -12.53
CA LYS A 253 -13.04 -23.88 -13.37
C LYS A 253 -12.00 -23.99 -14.49
N ALA A 254 -11.81 -22.91 -15.26
CA ALA A 254 -10.81 -22.86 -16.32
C ALA A 254 -9.39 -23.18 -15.82
N PHE A 255 -9.00 -22.62 -14.67
CA PHE A 255 -7.66 -22.85 -14.14
C PHE A 255 -7.44 -24.31 -13.75
N GLN A 256 -8.36 -24.85 -12.96
CA GLN A 256 -8.31 -26.24 -12.51
C GLN A 256 -8.26 -27.19 -13.71
N ALA A 257 -9.06 -26.89 -14.74
CA ALA A 257 -9.07 -27.64 -15.99
C ALA A 257 -7.94 -27.18 -16.90
N SER B 2 -15.23 -14.45 5.14
CA SER B 2 -15.04 -15.07 3.80
C SER B 2 -15.38 -14.21 2.56
N LYS B 3 -16.15 -13.13 2.68
CA LYS B 3 -16.43 -12.36 1.45
C LYS B 3 -15.39 -11.24 1.27
N SER B 4 -14.13 -11.65 1.35
CA SER B 4 -13.00 -10.72 1.21
C SER B 4 -11.77 -11.50 0.78
N LYS B 5 -10.81 -10.79 0.22
CA LYS B 5 -9.59 -11.39 -0.34
C LYS B 5 -8.60 -11.76 0.74
N ASP B 6 -7.79 -12.78 0.45
CA ASP B 6 -6.55 -13.01 1.20
C ASP B 6 -6.76 -13.30 2.71
N ARG B 7 -7.88 -13.93 3.06
CA ARG B 7 -8.13 -14.27 4.47
C ARG B 7 -7.27 -15.47 4.95
N SAH C . -10.92 -4.03 -12.47
CA SAH C . -11.21 -3.25 -11.22
CB SAH C . -10.03 -3.41 -10.26
CG SAH C . -10.09 -4.73 -9.50
SD SAH C . -11.47 -4.70 -8.37
C SAH C . -11.54 -1.78 -11.49
O SAH C . -11.70 -1.38 -12.65
OXT SAH C . -11.65 -0.93 -10.59
C5' SAH C . -12.22 -6.30 -8.54
C4' SAH C . -13.20 -6.23 -9.70
O4' SAH C . -12.45 -6.25 -10.93
C3' SAH C . -14.14 -7.43 -9.74
O3' SAH C . -15.44 -7.11 -9.23
C2' SAH C . -14.22 -7.81 -11.21
O2' SAH C . -15.25 -7.09 -11.87
C1' SAH C . -12.92 -7.31 -11.79
N9 SAH C . -11.88 -8.37 -11.96
C8 SAH C . -10.72 -8.46 -11.29
N7 SAH C . -9.99 -9.53 -11.71
C5 SAH C . -10.71 -10.13 -12.68
C6 SAH C . -10.52 -11.30 -13.54
N6 SAH C . -9.39 -12.04 -13.40
N1 SAH C . -11.51 -11.60 -14.41
C2 SAH C . -12.64 -10.86 -14.52
N3 SAH C . -12.89 -9.77 -13.77
C4 SAH C . -11.96 -9.37 -12.85
#